data_5ZJQ
#
_entry.id   5ZJQ
#
_cell.length_a   77.056
_cell.length_b   49.440
_cell.length_c   95.194
_cell.angle_alpha   90.000
_cell.angle_beta   109.330
_cell.angle_gamma   90.000
#
_symmetry.space_group_name_H-M   'C 1 2 1'
#
loop_
_entity.id
_entity.type
_entity.pdbx_description
1 polymer 'Homeobox protein abdominal-B'
2 polymer 'Homeobox protein extradenticle'
3 polymer "DNA (5'-D(*GP*TP*CP*AP*TP*AP*AP*AP*TP*CP*AP*TP*GP*C)-3')"
4 polymer "DNA (5'-D(*GP*CP*AP*TP*GP*AP*TP*TP*TP*AP*TP*GP*AP*C)-3')"
5 water water
#
loop_
_entity_poly.entity_id
_entity_poly.type
_entity_poly.pdbx_seq_one_letter_code
_entity_poly.pdbx_strand_id
1 'polypeptide(L)'
;VGPCTPNPGLHEWTGQVSVRKKRKPYSKFQTLELEKEFLFNAYVSKQKRWELARNLQLTERQVKIWFQNRRMKNKKNSQR
QANQ
;
A
2 'polypeptide(L)' DARRKRRNFSKQASEILNEYFYSHLSNPYPSEEAKEELARKCGITVSQVSNWFGNKRIRYKKNIGKAQEEANLY B
3 'polydeoxyribonucleotide' (DG)(DT)(DC)(DA)(DT)(DA)(DA)(DA)(DT)(DC)(DA)(DT)(DG)(DC) C
4 'polydeoxyribonucleotide' (DG)(DC)(DA)(DT)(DG)(DA)(DT)(DT)(DT)(DA)(DT)(DG)(DA)(DC) D
#
loop_
_chem_comp.id
_chem_comp.type
_chem_comp.name
_chem_comp.formula
DA DNA linking 2'-DEOXYADENOSINE-5'-MONOPHOSPHATE 'C10 H14 N5 O6 P'
DC DNA linking 2'-DEOXYCYTIDINE-5'-MONOPHOSPHATE 'C9 H14 N3 O7 P'
DG DNA linking 2'-DEOXYGUANOSINE-5'-MONOPHOSPHATE 'C10 H14 N5 O7 P'
DT DNA linking THYMIDINE-5'-MONOPHOSPHATE 'C10 H15 N2 O8 P'
#
# COMPACT_ATOMS: atom_id res chain seq x y z
N GLU A 12 -7.75 -16.99 11.22
CA GLU A 12 -7.77 -16.11 12.39
C GLU A 12 -8.10 -14.68 11.98
N TRP A 13 -7.54 -14.25 10.85
CA TRP A 13 -7.70 -12.90 10.35
C TRP A 13 -8.21 -12.90 8.91
N THR A 14 -8.62 -14.08 8.43
CA THR A 14 -9.12 -14.24 7.07
C THR A 14 -10.55 -13.75 6.93
N LYS A 21 -16.96 -1.44 -1.59
CA LYS A 21 -16.80 -2.62 -2.42
C LYS A 21 -15.57 -2.49 -3.31
N LYS A 22 -15.62 -3.14 -4.49
CA LYS A 22 -14.49 -3.20 -5.41
C LYS A 22 -14.06 -1.82 -5.93
N ARG A 23 -12.78 -1.49 -5.72
CA ARG A 23 -12.28 -0.18 -6.11
C ARG A 23 -12.20 -0.03 -7.62
N LYS A 24 -12.33 1.20 -8.09
CA LYS A 24 -12.36 1.49 -9.52
C LYS A 24 -11.30 2.51 -9.87
N PRO A 25 -10.32 2.12 -10.70
CA PRO A 25 -9.28 3.06 -11.12
C PRO A 25 -9.89 4.25 -11.86
N TYR A 26 -9.44 5.46 -11.53
CA TYR A 26 -9.99 6.66 -12.15
C TYR A 26 -9.43 6.83 -13.57
N SER A 27 -10.20 7.50 -14.43
CA SER A 27 -9.73 7.74 -15.80
C SER A 27 -8.56 8.71 -15.80
N LYS A 28 -7.88 8.81 -16.95
CA LYS A 28 -6.75 9.73 -17.12
C LYS A 28 -7.14 11.17 -16.86
N PHE A 29 -8.27 11.57 -17.44
CA PHE A 29 -8.80 12.92 -17.25
C PHE A 29 -9.01 13.22 -15.77
N GLN A 30 -9.66 12.32 -15.06
CA GLN A 30 -9.92 12.52 -13.64
C GLN A 30 -8.63 12.75 -12.88
N THR A 31 -7.71 11.80 -12.98
CA THR A 31 -6.43 11.88 -12.30
C THR A 31 -5.67 13.16 -12.64
N LEU A 32 -5.63 13.51 -13.92
CA LEU A 32 -4.96 14.74 -14.34
C LEU A 32 -5.55 15.97 -13.64
N GLU A 33 -6.88 16.11 -13.69
CA GLU A 33 -7.53 17.28 -13.10
C GLU A 33 -7.33 17.33 -11.58
N LEU A 34 -7.38 16.17 -10.94
CA LEU A 34 -7.14 16.08 -9.51
C LEU A 34 -5.70 16.48 -9.19
N GLU A 35 -4.75 16.09 -10.05
CA GLU A 35 -3.35 16.45 -9.82
C GLU A 35 -3.13 17.95 -9.98
N LYS A 36 -3.78 18.55 -10.98
CA LYS A 36 -3.65 19.99 -11.17
C LYS A 36 -4.20 20.73 -9.96
N GLU A 37 -5.37 20.29 -9.51
CA GLU A 37 -5.98 20.86 -8.33
C GLU A 37 -5.08 20.73 -7.11
N PHE A 38 -4.57 19.53 -6.89
CA PHE A 38 -3.72 19.25 -5.72
C PHE A 38 -2.46 20.10 -5.76
N LEU A 39 -1.95 20.31 -6.96
CA LEU A 39 -0.78 21.13 -7.16
C LEU A 39 -1.08 22.56 -6.75
N PHE A 40 -2.26 23.03 -7.12
CA PHE A 40 -2.73 24.34 -6.72
C PHE A 40 -2.82 24.46 -5.19
N ASN A 41 -3.45 23.47 -4.56
CA ASN A 41 -3.54 23.45 -3.10
C ASN A 41 -3.80 22.02 -2.58
N ALA A 42 -2.99 21.62 -1.62
CA ALA A 42 -2.98 20.23 -1.13
C ALA A 42 -4.20 19.94 -0.26
N TYR A 43 -4.83 20.99 0.24
CA TYR A 43 -6.06 20.88 1.00
C TYR A 43 -7.17 21.62 0.26
N VAL A 44 -8.21 20.89 -0.13
CA VAL A 44 -9.27 21.45 -0.94
C VAL A 44 -10.43 21.95 -0.07
N SER A 45 -11.00 23.09 -0.44
CA SER A 45 -12.17 23.62 0.24
C SER A 45 -13.39 22.75 -0.02
N LYS A 46 -14.43 22.94 0.81
CA LYS A 46 -15.71 22.26 0.65
C LYS A 46 -16.40 22.59 -0.67
N GLN A 47 -16.43 23.87 -1.00
CA GLN A 47 -17.02 24.33 -2.25
C GLN A 47 -16.25 23.79 -3.44
N LYS A 48 -14.92 23.80 -3.33
CA LYS A 48 -14.07 23.32 -4.40
C LYS A 48 -14.14 21.79 -4.50
N ARG A 49 -14.34 21.14 -3.36
CA ARG A 49 -14.57 19.70 -3.38
C ARG A 49 -15.85 19.38 -4.14
N TRP A 50 -16.89 20.21 -3.90
CA TRP A 50 -18.15 20.03 -4.61
C TRP A 50 -17.98 20.24 -6.12
N GLU A 51 -17.23 21.28 -6.49
CA GLU A 51 -16.95 21.56 -7.90
C GLU A 51 -16.16 20.44 -8.57
N LEU A 52 -15.16 19.91 -7.88
CA LEU A 52 -14.36 18.82 -8.43
C LEU A 52 -15.22 17.60 -8.64
N ALA A 53 -16.03 17.26 -7.62
CA ALA A 53 -16.91 16.11 -7.72
C ALA A 53 -17.88 16.22 -8.91
N ARG A 54 -18.44 17.42 -9.11
CA ARG A 54 -19.33 17.63 -10.25
C ARG A 54 -18.61 17.59 -11.61
N ASN A 55 -17.44 18.23 -11.69
CA ASN A 55 -16.70 18.28 -12.95
C ASN A 55 -16.09 16.95 -13.36
N LEU A 56 -15.79 16.10 -12.38
CA LEU A 56 -15.04 14.90 -12.66
C LEU A 56 -15.87 13.64 -12.48
N GLN A 57 -17.17 13.81 -12.28
CA GLN A 57 -18.09 12.68 -12.11
C GLN A 57 -17.71 11.80 -10.92
N LEU A 58 -17.31 12.44 -9.82
CA LEU A 58 -16.98 11.74 -8.57
C LEU A 58 -17.91 12.23 -7.46
N THR A 59 -17.98 11.52 -6.32
CA THR A 59 -18.69 12.07 -5.17
C THR A 59 -17.73 12.95 -4.39
N GLU A 60 -18.25 13.81 -3.52
CA GLU A 60 -17.40 14.66 -2.70
C GLU A 60 -16.54 13.80 -1.77
N ARG A 61 -17.09 12.67 -1.35
CA ARG A 61 -16.35 11.74 -0.51
C ARG A 61 -15.13 11.18 -1.25
N GLN A 62 -15.31 10.83 -2.52
CA GLN A 62 -14.21 10.31 -3.31
C GLN A 62 -13.11 11.35 -3.52
N VAL A 63 -13.52 12.59 -3.74
CA VAL A 63 -12.56 13.66 -3.89
C VAL A 63 -11.77 13.86 -2.60
N LYS A 64 -12.51 13.82 -1.48
CA LYS A 64 -11.93 13.98 -0.15
C LYS A 64 -10.84 12.93 0.10
N ILE A 65 -11.23 11.67 -0.09
CA ILE A 65 -10.34 10.54 0.08
C ILE A 65 -9.14 10.61 -0.88
N TRP A 66 -9.40 11.00 -2.13
CA TRP A 66 -8.34 11.13 -3.09
C TRP A 66 -7.29 12.10 -2.58
N PHE A 67 -7.73 13.24 -2.06
CA PHE A 67 -6.78 14.22 -1.54
C PHE A 67 -6.04 13.69 -0.33
N GLN A 68 -6.73 12.93 0.52
CA GLN A 68 -6.07 12.29 1.66
C GLN A 68 -4.89 11.42 1.21
N ASN A 69 -5.19 10.46 0.34
CA ASN A 69 -4.19 9.54 -0.17
C ASN A 69 -3.08 10.28 -0.90
N ARG A 70 -3.45 11.31 -1.65
CA ARG A 70 -2.47 12.08 -2.40
C ARG A 70 -1.48 12.74 -1.46
N ARG A 71 -1.98 13.26 -0.34
CA ARG A 71 -1.08 13.85 0.64
C ARG A 71 -0.19 12.77 1.23
N MET A 72 -0.73 11.58 1.50
CA MET A 72 0.09 10.53 2.08
C MET A 72 1.20 10.09 1.14
N LYS A 73 0.88 10.07 -0.16
CA LYS A 73 1.86 9.79 -1.19
C LYS A 73 2.94 10.86 -1.23
N ASN A 74 2.51 12.11 -1.11
CA ASN A 74 3.42 13.24 -1.05
C ASN A 74 4.42 13.11 0.10
N LYS A 75 3.90 12.76 1.29
CA LYS A 75 4.74 12.55 2.46
C LYS A 75 5.68 11.38 2.25
N LYS A 76 5.17 10.33 1.62
CA LYS A 76 5.94 9.13 1.33
C LYS A 76 7.14 9.45 0.45
N ASN A 77 6.91 10.26 -0.57
CA ASN A 77 7.97 10.64 -1.48
C ASN A 77 8.84 11.76 -0.92
N SER A 78 8.45 12.29 0.24
CA SER A 78 9.23 13.34 0.87
C SER A 78 10.16 12.87 2.00
N GLN A 79 10.01 11.64 2.48
CA GLN A 79 10.79 11.19 3.64
C GLN A 79 12.30 11.09 3.36
N ARG A 80 13.07 11.84 4.14
CA ARG A 80 14.52 11.83 4.05
C ARG A 80 15.15 11.88 5.44
N ALA B 2 5.96 6.62 -11.33
CA ALA B 2 5.84 5.34 -10.63
C ALA B 2 7.19 4.61 -10.60
N ARG B 3 7.63 4.28 -9.40
CA ARG B 3 8.87 3.51 -9.24
C ARG B 3 8.58 2.01 -9.34
N ARG B 4 7.90 1.62 -10.42
CA ARG B 4 7.58 0.23 -10.66
C ARG B 4 8.64 -0.44 -11.53
N LYS B 5 9.85 0.12 -11.51
CA LYS B 5 11.04 -0.53 -12.09
C LYS B 5 11.59 -1.54 -11.07
N ARG B 6 10.76 -2.52 -10.72
CA ARG B 6 11.01 -3.42 -9.60
C ARG B 6 12.08 -4.46 -9.89
N ARG B 7 12.77 -4.88 -8.84
CA ARG B 7 13.67 -6.02 -8.90
C ARG B 7 13.28 -6.97 -7.78
N ASN B 8 13.43 -8.26 -8.03
CA ASN B 8 13.12 -9.26 -7.02
C ASN B 8 14.07 -9.17 -5.84
N PHE B 9 13.54 -9.34 -4.63
CA PHE B 9 14.37 -9.34 -3.44
C PHE B 9 15.28 -10.56 -3.47
N SER B 10 16.35 -10.51 -2.70
CA SER B 10 17.29 -11.63 -2.65
C SER B 10 16.63 -12.88 -2.08
N LYS B 11 17.27 -14.04 -2.27
CA LYS B 11 16.73 -15.29 -1.78
C LYS B 11 16.77 -15.32 -0.25
N GLN B 12 17.78 -14.67 0.32
CA GLN B 12 17.92 -14.57 1.77
C GLN B 12 16.83 -13.65 2.36
N ALA B 13 16.62 -12.50 1.73
CA ALA B 13 15.60 -11.56 2.19
C ALA B 13 14.22 -12.21 2.18
N SER B 14 13.90 -12.91 1.09
CA SER B 14 12.65 -13.64 0.95
C SER B 14 12.53 -14.72 2.02
N GLU B 15 13.63 -15.42 2.28
CA GLU B 15 13.65 -16.45 3.32
C GLU B 15 13.35 -15.85 4.69
N ILE B 16 13.90 -14.66 4.97
CA ILE B 16 13.70 -13.98 6.23
C ILE B 16 12.25 -13.55 6.41
N LEU B 17 11.72 -12.87 5.40
CA LEU B 17 10.33 -12.41 5.43
C LEU B 17 9.37 -13.58 5.59
N ASN B 18 9.60 -14.64 4.84
CA ASN B 18 8.73 -15.80 4.90
C ASN B 18 8.80 -16.51 6.24
N GLU B 19 10.00 -16.61 6.79
CA GLU B 19 10.15 -17.22 8.11
C GLU B 19 9.43 -16.39 9.16
N TYR B 20 9.49 -15.07 9.03
CA TYR B 20 8.81 -14.23 10.00
C TYR B 20 7.31 -14.24 9.78
N PHE B 21 6.88 -14.59 8.57
CA PHE B 21 5.44 -14.59 8.24
C PHE B 21 4.72 -15.88 8.63
N TYR B 22 5.33 -17.04 8.37
CA TYR B 22 4.70 -18.31 8.69
C TYR B 22 4.82 -18.61 10.19
N SER B 23 5.89 -18.12 10.80
CA SER B 23 5.87 -17.87 12.23
C SER B 23 5.05 -16.59 12.38
N HIS B 24 4.47 -16.34 13.54
CA HIS B 24 3.55 -15.20 13.71
C HIS B 24 2.36 -15.27 12.73
N LEU B 25 1.97 -16.48 12.34
CA LEU B 25 0.90 -16.67 11.37
C LEU B 25 -0.47 -16.27 11.94
N SER B 26 -0.61 -16.37 13.26
CA SER B 26 -1.84 -15.99 13.94
C SER B 26 -2.01 -14.46 13.94
N ASN B 27 -0.89 -13.75 13.92
CA ASN B 27 -0.91 -12.29 13.89
C ASN B 27 0.24 -11.70 13.07
N PRO B 28 0.11 -11.74 11.74
CA PRO B 28 1.19 -11.31 10.83
C PRO B 28 1.21 -9.81 10.61
N TYR B 29 1.26 -9.05 11.70
CA TYR B 29 1.30 -7.60 11.61
C TYR B 29 2.44 -7.05 12.45
N PRO B 30 3.64 -7.05 11.88
CA PRO B 30 4.83 -6.60 12.62
C PRO B 30 4.72 -5.14 13.02
N SER B 31 5.22 -4.82 14.21
CA SER B 31 5.31 -3.44 14.68
C SER B 31 6.34 -2.66 13.86
N GLU B 32 6.40 -1.36 14.07
CA GLU B 32 7.35 -0.51 13.36
C GLU B 32 8.80 -0.93 13.61
N GLU B 33 9.14 -1.20 14.88
CA GLU B 33 10.49 -1.62 15.23
C GLU B 33 10.84 -2.95 14.54
N ALA B 34 9.91 -3.88 14.61
CA ALA B 34 10.03 -5.17 13.93
C ALA B 34 10.22 -4.98 12.43
N LYS B 35 9.44 -4.06 11.86
CA LYS B 35 9.58 -3.75 10.43
C LYS B 35 10.96 -3.19 10.11
N GLU B 36 11.51 -2.43 11.04
CA GLU B 36 12.82 -1.80 10.82
C GLU B 36 13.97 -2.81 10.90
N GLU B 37 13.94 -3.69 11.88
CA GLU B 37 15.00 -4.70 11.95
C GLU B 37 14.82 -5.73 10.83
N LEU B 38 13.58 -5.92 10.37
CA LEU B 38 13.34 -6.75 9.19
C LEU B 38 13.93 -6.09 7.95
N ALA B 39 13.78 -4.76 7.88
CA ALA B 39 14.30 -4.01 6.76
C ALA B 39 15.83 -4.06 6.72
N ARG B 40 16.46 -3.87 7.87
CA ARG B 40 17.92 -3.85 7.90
C ARG B 40 18.52 -5.25 7.81
N LYS B 41 17.73 -6.26 8.18
CA LYS B 41 18.19 -7.64 8.04
C LYS B 41 18.02 -8.15 6.61
N CYS B 42 17.03 -7.61 5.89
CA CYS B 42 16.77 -8.00 4.50
C CYS B 42 17.51 -7.12 3.48
N GLY B 43 17.93 -5.94 3.92
CA GLY B 43 18.57 -5.00 3.03
C GLY B 43 17.58 -4.31 2.13
N ILE B 44 16.40 -3.98 2.68
CA ILE B 44 15.35 -3.27 1.95
C ILE B 44 14.79 -2.17 2.86
N THR B 45 13.93 -1.30 2.33
CA THR B 45 13.35 -0.23 3.14
C THR B 45 12.17 -0.76 3.96
N VAL B 46 11.71 0.03 4.92
CA VAL B 46 10.59 -0.37 5.77
C VAL B 46 9.29 -0.36 4.96
N SER B 47 9.17 0.56 4.01
CA SER B 47 8.02 0.59 3.09
C SER B 47 7.93 -0.68 2.26
N GLN B 48 9.09 -1.21 1.89
CA GLN B 48 9.14 -2.43 1.11
C GLN B 48 8.73 -3.62 1.95
N VAL B 49 9.09 -3.59 3.22
CA VAL B 49 8.66 -4.61 4.16
C VAL B 49 7.14 -4.57 4.31
N SER B 50 6.60 -3.37 4.42
CA SER B 50 5.15 -3.19 4.53
C SER B 50 4.45 -3.75 3.30
N ASN B 51 4.92 -3.36 2.11
CA ASN B 51 4.36 -3.85 0.86
C ASN B 51 4.39 -5.34 0.78
N TRP B 52 5.51 -5.88 1.22
CA TRP B 52 5.69 -7.31 1.16
C TRP B 52 4.67 -7.97 2.08
N PHE B 53 4.44 -7.40 3.26
CA PHE B 53 3.49 -8.03 4.18
C PHE B 53 2.05 -7.87 3.72
N GLY B 54 1.73 -6.77 3.04
CA GLY B 54 0.40 -6.61 2.47
C GLY B 54 0.13 -7.60 1.36
N ASN B 55 1.03 -7.64 0.38
CA ASN B 55 0.95 -8.63 -0.69
C ASN B 55 0.89 -10.06 -0.15
N LYS B 56 1.78 -10.36 0.79
CA LYS B 56 1.88 -11.70 1.33
C LYS B 56 0.60 -12.08 2.05
N ARG B 57 0.05 -11.16 2.83
CA ARG B 57 -1.18 -11.47 3.56
C ARG B 57 -2.32 -11.76 2.61
N ILE B 58 -2.55 -10.85 1.66
CA ILE B 58 -3.71 -11.03 0.79
C ILE B 58 -3.55 -12.29 -0.08
N ARG B 59 -2.35 -12.51 -0.62
CA ARG B 59 -2.15 -13.62 -1.54
C ARG B 59 -2.10 -14.96 -0.81
N TYR B 60 -1.70 -14.92 0.46
CA TYR B 60 -1.78 -16.10 1.31
C TYR B 60 -3.25 -16.44 1.55
N LYS B 61 -4.06 -15.42 1.80
CA LYS B 61 -5.49 -15.63 2.00
C LYS B 61 -6.16 -16.20 0.75
N LYS B 62 -5.76 -15.68 -0.42
CA LYS B 62 -6.34 -16.13 -1.67
C LYS B 62 -5.80 -17.51 -2.07
N ASN B 63 -4.65 -17.88 -1.52
CA ASN B 63 -4.04 -19.16 -1.84
C ASN B 63 -4.76 -20.34 -1.21
N ILE B 64 -5.33 -20.12 -0.03
CA ILE B 64 -6.03 -21.19 0.68
C ILE B 64 -7.23 -21.68 -0.13
N GLY B 65 -7.21 -22.97 -0.47
CA GLY B 65 -6.16 -23.88 -0.03
C GLY B 65 -5.27 -24.45 -1.12
N LYS B 66 -3.95 -24.38 -0.89
CA LYS B 66 -2.96 -24.96 -1.78
C LYS B 66 -1.88 -25.65 -0.96
N ALA B 67 -0.70 -25.82 -1.55
CA ALA B 67 0.45 -26.32 -0.81
C ALA B 67 1.06 -25.19 0.03
N GLN B 68 0.25 -24.61 0.91
CA GLN B 68 0.67 -23.49 1.75
C GLN B 68 0.79 -23.94 3.20
N GLU B 69 0.08 -25.01 3.54
CA GLU B 69 0.18 -25.62 4.86
C GLU B 69 1.52 -26.33 5.00
N GLU B 70 2.08 -26.72 3.86
CA GLU B 70 3.43 -27.28 3.83
C GLU B 70 4.45 -26.21 4.19
N ALA B 71 4.22 -24.99 3.73
CA ALA B 71 5.12 -23.88 4.02
C ALA B 71 5.02 -23.46 5.49
N ASN B 72 3.81 -23.53 6.06
CA ASN B 72 3.61 -23.18 7.47
C ASN B 72 4.45 -24.03 8.43
N LEU B 73 5.16 -25.03 7.89
CA LEU B 73 6.12 -25.81 8.66
C LEU B 73 7.38 -25.02 9.04
N TYR B 74 7.43 -23.76 8.60
CA TYR B 74 8.46 -22.84 9.08
C TYR B 74 8.43 -22.78 10.61
#